data_7NM6
#
_entry.id   7NM6
#
_cell.length_a   35.280
_cell.length_b   80.720
_cell.length_c   81.660
_cell.angle_alpha   90.000
_cell.angle_beta   90.000
_cell.angle_gamma   90.000
#
_symmetry.space_group_name_H-M   'P 21 21 21'
#
loop_
_entity.id
_entity.type
_entity.pdbx_description
1 polymer 'Alginate lyase (PL7)'
2 branched 'beta-D-mannopyranuronic acid-(1-4)-beta-D-mannopyranuronic acid'
3 non-polymer 2-[BIS-(2-HYDROXY-ETHYL)-AMINO]-2-HYDROXYMETHYL-PROPANE-1,3-DIOL
4 water water
#
_entity_poly.entity_id   1
_entity_poly.type   'polypeptide(L)'
_entity_poly.pdbx_seq_one_letter_code
;EFYTAPSTESKFTEVLSKAKLQYPTSTTVAFADDLLDGYAASYFYLTSDLYMQFQVAGSSQRSELREMETSGDEAAWDCT
GSTAHVASAQIAIPVQEDGIEEVTILQVHDSDVTPVLRISWVSSITIDGVTSEDVVLATIRNGIDDSTATKTVLQAHTTS
RTEFNINVQNSKLSITVDGTTELDEADISQFDGSTCYFKAGAFNNNPTDTSANARIKMYELEWVDHHHHHH
;
_entity_poly.pdbx_strand_id   A
#
# COMPACT_ATOMS: atom_id res chain seq x y z
N PHE A 2 23.12 10.98 5.24
CA PHE A 2 23.23 11.23 3.80
C PHE A 2 22.00 10.73 3.02
N TYR A 3 20.81 10.94 3.59
CA TYR A 3 19.55 10.67 2.91
C TYR A 3 18.69 11.92 2.92
N THR A 4 18.18 12.29 1.76
CA THR A 4 17.27 13.43 1.65
C THR A 4 15.87 13.03 2.10
N ALA A 5 15.23 13.91 2.89
CA ALA A 5 13.90 13.61 3.44
C ALA A 5 12.79 13.80 2.39
N PRO A 6 11.81 12.90 2.35
CA PRO A 6 10.64 13.17 1.49
C PRO A 6 9.92 14.45 1.84
N SER A 7 9.97 14.89 3.10
CA SER A 7 9.33 16.13 3.49
C SER A 7 9.88 17.35 2.73
N THR A 8 11.04 17.26 2.08
CA THR A 8 11.54 18.41 1.32
C THR A 8 10.71 18.70 0.08
N GLU A 9 9.80 17.80 -0.32
CA GLU A 9 8.96 18.01 -1.49
C GLU A 9 7.53 18.30 -1.04
N SER A 10 7.03 19.47 -1.42
CA SER A 10 5.70 19.85 -0.95
C SER A 10 4.63 18.89 -1.41
N LYS A 11 4.86 18.17 -2.52
CA LYS A 11 3.83 17.22 -2.95
C LYS A 11 3.57 16.15 -1.89
N PHE A 12 4.48 15.96 -0.94
CA PHE A 12 4.28 14.96 0.11
C PHE A 12 3.86 15.55 1.44
N THR A 13 3.86 16.89 1.59
CA THR A 13 3.57 17.46 2.91
C THR A 13 2.24 16.97 3.46
N GLU A 14 1.18 17.02 2.66
CA GLU A 14 -0.13 16.69 3.18
C GLU A 14 -0.22 15.22 3.60
N VAL A 15 0.29 14.30 2.77
CA VAL A 15 0.13 12.90 3.13
C VAL A 15 0.98 12.57 4.36
N LEU A 16 2.17 13.16 4.46
CA LEU A 16 3.01 12.93 5.62
C LEU A 16 2.37 13.49 6.88
N SER A 17 1.68 14.63 6.76
CA SER A 17 0.93 15.19 7.88
C SER A 17 -0.19 14.27 8.34
N LYS A 18 -0.63 13.40 7.44
CA LYS A 18 -1.69 12.46 7.64
C LYS A 18 -1.17 11.03 7.66
N ALA A 19 0.00 10.80 8.26
CA ALA A 19 0.61 9.47 8.24
C ALA A 19 1.53 9.28 9.42
N LYS A 20 1.84 8.01 9.69
CA LYS A 20 3.01 7.68 10.48
C LYS A 20 3.71 6.51 9.80
N LEU A 21 5.01 6.43 10.00
CA LEU A 21 5.86 5.43 9.36
C LEU A 21 6.17 4.28 10.30
N GLN A 22 5.91 3.06 9.83
CA GLN A 22 6.21 1.84 10.56
C GLN A 22 7.40 1.14 9.91
N TYR A 23 8.33 0.66 10.73
CA TYR A 23 9.51 -0.03 10.23
C TYR A 23 10.26 -0.61 11.42
N PRO A 24 10.73 -1.87 11.34
CA PRO A 24 10.54 -2.84 10.27
C PRO A 24 9.29 -3.70 10.50
N THR A 25 8.61 -3.51 11.63
CA THR A 25 7.38 -4.27 11.88
C THR A 25 6.25 -3.27 12.13
N SER A 26 5.41 -3.53 13.11
CA SER A 26 4.23 -2.70 13.32
C SER A 26 4.52 -1.48 14.18
N THR A 27 5.67 -1.42 14.84
CA THR A 27 5.99 -0.29 15.69
C THR A 27 6.25 0.96 14.86
N THR A 28 5.71 2.08 15.30
CA THR A 28 5.94 3.34 14.61
C THR A 28 7.35 3.81 14.89
N VAL A 29 8.10 4.17 13.84
CA VAL A 29 9.41 4.80 14.05
C VAL A 29 9.32 6.30 13.88
N ALA A 30 8.36 6.79 13.09
CA ALA A 30 8.24 8.22 12.89
C ALA A 30 6.79 8.63 12.77
N PHE A 31 6.37 9.57 13.64
CA PHE A 31 5.04 10.12 13.59
C PHE A 31 5.02 11.26 12.58
N ALA A 32 3.83 11.81 12.35
CA ALA A 32 3.69 12.89 11.37
C ALA A 32 4.67 14.02 11.63
N ASP A 33 4.78 14.45 12.89
CA ASP A 33 5.65 15.60 13.13
C ASP A 33 7.11 15.24 12.83
N ASP A 34 7.52 14.01 13.16
CA ASP A 34 8.85 13.52 12.81
C ASP A 34 9.06 13.51 11.28
N LEU A 35 8.07 13.01 10.56
CA LEU A 35 8.16 12.94 9.10
C LEU A 35 8.29 14.32 8.50
N LEU A 36 7.47 15.28 8.98
CA LEU A 36 7.48 16.63 8.46
C LEU A 36 8.75 17.37 8.80
N ASP A 37 9.47 16.94 9.85
CA ASP A 37 10.73 17.54 10.29
C ASP A 37 11.96 16.87 9.65
N GLY A 38 11.79 16.21 8.51
CA GLY A 38 12.95 15.75 7.76
C GLY A 38 13.39 14.33 8.06
N TYR A 39 12.50 13.48 8.54
CA TYR A 39 12.87 12.08 8.79
C TYR A 39 13.35 11.46 7.49
N ALA A 40 14.46 10.75 7.56
CA ALA A 40 14.95 10.01 6.41
C ALA A 40 15.91 8.93 6.88
N ALA A 41 15.91 7.81 6.16
CA ALA A 41 16.77 6.68 6.50
C ALA A 41 16.92 5.80 5.26
N SER A 42 17.81 4.79 5.35
CA SER A 42 18.00 3.91 4.20
C SER A 42 16.68 3.32 3.72
N TYR A 43 15.74 3.09 4.63
CA TYR A 43 14.48 2.45 4.31
C TYR A 43 13.38 3.42 3.91
N PHE A 44 13.63 4.73 3.96
CA PHE A 44 12.61 5.72 3.64
C PHE A 44 13.32 7.02 3.28
N TYR A 45 13.42 7.32 1.99
CA TYR A 45 14.09 8.55 1.59
C TYR A 45 13.65 8.99 0.20
N LEU A 46 14.01 10.23 -0.13
CA LEU A 46 13.71 10.85 -1.41
C LEU A 46 14.87 10.64 -2.38
N THR A 47 14.56 10.10 -3.53
CA THR A 47 15.56 9.89 -4.55
C THR A 47 15.85 11.21 -5.29
N SER A 48 16.91 11.17 -6.10
CA SER A 48 17.34 12.38 -6.80
C SER A 48 16.31 12.84 -7.82
N ASP A 49 15.49 11.91 -8.34
CA ASP A 49 14.43 12.27 -9.26
C ASP A 49 13.07 12.33 -8.56
N LEU A 50 13.07 12.51 -7.24
CA LEU A 50 11.92 12.96 -6.45
C LEU A 50 10.87 11.89 -6.20
N TYR A 51 11.28 10.63 -6.05
CA TYR A 51 10.42 9.56 -5.56
C TYR A 51 10.64 9.36 -4.06
N MET A 52 9.55 9.14 -3.35
CA MET A 52 9.59 8.64 -1.98
C MET A 52 9.81 7.12 -2.05
N GLN A 53 10.98 6.66 -1.63
CA GLN A 53 11.34 5.25 -1.80
C GLN A 53 11.36 4.53 -0.45
N PHE A 54 10.68 3.39 -0.41
CA PHE A 54 10.60 2.47 0.72
C PHE A 54 11.45 1.25 0.41
N GLN A 55 12.29 0.81 1.37
CA GLN A 55 13.12 -0.38 1.19
C GLN A 55 13.18 -1.17 2.49
N VAL A 56 13.10 -2.49 2.42
CA VAL A 56 13.08 -3.33 3.61
C VAL A 56 13.47 -4.74 3.23
N ALA A 57 14.17 -5.43 4.14
CA ALA A 57 14.48 -6.84 4.02
C ALA A 57 13.83 -7.59 5.17
N GLY A 58 13.62 -8.88 4.95
CA GLY A 58 13.13 -9.81 5.95
C GLY A 58 11.70 -10.25 5.67
N SER A 59 11.36 -11.42 6.24
CA SER A 59 10.02 -11.99 6.06
C SER A 59 8.98 -11.19 6.82
N SER A 60 7.96 -10.72 6.11
CA SER A 60 6.85 -9.96 6.65
C SER A 60 7.32 -8.68 7.31
N GLN A 61 8.47 -8.16 6.90
CA GLN A 61 8.92 -6.85 7.38
C GLN A 61 8.43 -5.76 6.44
N ARG A 62 8.40 -4.54 6.95
CA ARG A 62 7.74 -3.48 6.20
C ARG A 62 8.44 -2.16 6.42
N SER A 63 8.35 -1.32 5.41
CA SER A 63 8.56 0.13 5.55
C SER A 63 7.29 0.75 4.98
N GLU A 64 6.42 1.27 5.84
CA GLU A 64 5.06 1.54 5.43
C GLU A 64 4.48 2.73 6.15
N LEU A 65 3.82 3.60 5.37
CA LEU A 65 2.97 4.66 5.93
C LEU A 65 1.58 4.14 6.27
N ARG A 66 1.06 4.63 7.40
CA ARG A 66 -0.23 4.27 7.96
C ARG A 66 -1.05 5.55 8.09
N GLU A 67 -2.23 5.56 7.47
CA GLU A 67 -3.10 6.74 7.44
C GLU A 67 -3.46 7.23 8.84
N MET A 68 -3.33 8.54 9.03
CA MET A 68 -3.66 9.24 10.26
C MET A 68 -4.49 10.47 9.95
N GLU A 69 -5.18 10.99 10.98
CA GLU A 69 -5.83 12.29 10.90
C GLU A 69 -4.86 13.39 11.33
N THR A 70 -5.04 14.59 10.80
CA THR A 70 -4.18 15.69 11.23
C THR A 70 -4.32 15.96 12.72
N SER A 71 -5.42 15.54 13.33
CA SER A 71 -5.59 15.69 14.77
C SER A 71 -4.62 14.82 15.56
N GLY A 72 -3.98 13.85 14.93
CA GLY A 72 -3.22 12.85 15.62
C GLY A 72 -3.99 11.59 15.94
N ASP A 73 -5.32 11.58 15.77
CA ASP A 73 -6.10 10.36 15.83
C ASP A 73 -5.67 9.42 14.71
N GLU A 74 -5.65 8.11 14.98
CA GLU A 74 -5.51 7.17 13.90
C GLU A 74 -6.74 7.22 13.00
N ALA A 75 -6.52 7.07 11.70
CA ALA A 75 -7.66 6.87 10.80
C ALA A 75 -8.38 5.58 11.17
N ALA A 76 -9.71 5.67 11.25
CA ALA A 76 -10.54 4.52 11.61
C ALA A 76 -11.93 4.75 11.05
N TRP A 77 -12.06 4.77 9.73
CA TRP A 77 -13.32 5.11 9.10
C TRP A 77 -14.13 3.85 8.89
N ASP A 78 -15.44 4.02 8.81
CA ASP A 78 -16.33 2.88 8.63
C ASP A 78 -16.00 2.19 7.30
N CYS A 79 -15.53 0.93 7.37
CA CYS A 79 -15.11 0.23 6.15
C CYS A 79 -16.20 0.21 5.08
N THR A 80 -17.46 0.10 5.48
CA THR A 80 -18.56 -0.07 4.53
C THR A 80 -19.52 1.11 4.52
N GLY A 81 -19.09 2.27 5.03
CA GLY A 81 -19.99 3.40 5.19
C GLY A 81 -20.25 4.17 3.90
N SER A 82 -21.13 5.16 4.02
CA SER A 82 -21.57 5.96 2.87
C SER A 82 -20.55 6.99 2.45
N THR A 83 -19.61 7.35 3.32
CA THR A 83 -18.56 8.31 2.99
C THR A 83 -17.51 7.60 2.17
N ALA A 84 -17.22 8.15 0.97
CA ALA A 84 -16.19 7.58 0.11
C ALA A 84 -14.81 7.83 0.70
N HIS A 85 -13.96 6.80 0.70
CA HIS A 85 -12.55 6.97 1.02
C HIS A 85 -11.73 6.60 -0.19
N VAL A 86 -10.79 7.46 -0.57
CA VAL A 86 -10.04 7.29 -1.80
C VAL A 86 -8.56 7.45 -1.51
N ALA A 87 -7.75 6.50 -2.00
CA ALA A 87 -6.31 6.59 -1.97
C ALA A 87 -5.80 6.63 -3.40
N SER A 88 -4.88 7.53 -3.68
CA SER A 88 -4.30 7.68 -5.01
C SER A 88 -2.78 7.71 -4.90
N ALA A 89 -2.12 7.00 -5.81
CA ALA A 89 -0.68 6.95 -5.77
C ALA A 89 -0.14 6.76 -7.17
N GLN A 90 1.00 7.37 -7.44
CA GLN A 90 1.78 7.11 -8.65
C GLN A 90 3.01 6.33 -8.21
N ILE A 91 3.07 5.07 -8.62
CA ILE A 91 4.05 4.13 -8.09
C ILE A 91 4.87 3.56 -9.24
N ALA A 92 6.19 3.56 -9.06
CA ALA A 92 7.11 2.88 -9.96
C ALA A 92 7.64 1.67 -9.21
N ILE A 93 7.29 0.48 -9.70
CA ILE A 93 7.74 -0.78 -9.10
C ILE A 93 8.99 -1.24 -9.84
N PRO A 94 10.18 -1.12 -9.27
CA PRO A 94 11.38 -1.61 -9.96
C PRO A 94 11.37 -3.13 -10.05
N VAL A 95 12.25 -3.64 -10.91
CA VAL A 95 12.53 -5.07 -10.88
C VAL A 95 13.06 -5.42 -9.50
N GLN A 96 12.41 -6.37 -8.83
CA GLN A 96 12.76 -6.71 -7.46
C GLN A 96 14.02 -7.59 -7.43
N GLU A 97 14.80 -7.43 -6.35
CA GLU A 97 16.01 -8.23 -6.19
C GLU A 97 15.67 -9.72 -6.13
N ASP A 98 16.64 -10.54 -6.53
CA ASP A 98 16.45 -11.99 -6.44
C ASP A 98 16.08 -12.38 -5.02
N GLY A 99 15.10 -13.28 -4.91
CA GLY A 99 14.64 -13.75 -3.63
C GLY A 99 13.47 -12.98 -3.06
N ILE A 100 13.08 -11.88 -3.69
CA ILE A 100 11.88 -11.14 -3.37
C ILE A 100 10.75 -11.68 -4.24
N GLU A 101 9.68 -12.19 -3.60
CA GLU A 101 8.60 -12.89 -4.30
C GLU A 101 7.27 -12.17 -4.29
N GLU A 102 7.00 -11.33 -3.29
CA GLU A 102 5.76 -10.58 -3.27
C GLU A 102 6.01 -9.34 -2.44
N VAL A 103 5.52 -8.19 -2.92
CA VAL A 103 5.67 -6.94 -2.18
C VAL A 103 4.35 -6.21 -2.19
N THR A 104 3.79 -6.00 -1.02
CA THR A 104 2.54 -5.28 -0.91
C THR A 104 2.84 -3.78 -0.90
N ILE A 105 2.14 -3.02 -1.75
CA ILE A 105 2.45 -1.61 -1.96
C ILE A 105 1.33 -0.69 -1.47
N LEU A 106 0.08 -1.14 -1.50
CA LEU A 106 -1.06 -0.39 -0.95
C LEU A 106 -1.98 -1.36 -0.22
N GLN A 107 -2.61 -0.88 0.86
CA GLN A 107 -3.56 -1.66 1.64
C GLN A 107 -4.74 -0.80 2.05
N VAL A 108 -5.88 -1.46 2.20
CA VAL A 108 -6.96 -1.06 3.11
C VAL A 108 -6.90 -2.10 4.23
N HIS A 109 -6.68 -1.65 5.45
CA HIS A 109 -6.50 -2.56 6.58
C HIS A 109 -7.56 -2.25 7.62
N ASP A 110 -8.07 -3.29 8.31
CA ASP A 110 -9.02 -3.00 9.37
C ASP A 110 -8.27 -2.60 10.64
N SER A 111 -9.02 -2.21 11.66
CA SER A 111 -8.35 -1.68 12.85
C SER A 111 -7.90 -2.76 13.80
N ASP A 112 -7.90 -4.01 13.36
CA ASP A 112 -7.33 -5.13 14.12
C ASP A 112 -6.25 -5.83 13.29
N VAL A 113 -6.50 -7.05 12.81
CA VAL A 113 -5.43 -7.88 12.26
C VAL A 113 -5.71 -8.37 10.84
N THR A 114 -6.68 -7.76 10.14
CA THR A 114 -7.07 -8.28 8.83
C THR A 114 -6.91 -7.24 7.74
N PRO A 115 -6.13 -7.52 6.68
CA PRO A 115 -6.12 -6.60 5.54
C PRO A 115 -7.35 -6.83 4.68
N VAL A 116 -8.15 -5.77 4.50
CA VAL A 116 -9.29 -5.83 3.59
C VAL A 116 -8.80 -6.03 2.17
N LEU A 117 -7.86 -5.18 1.73
CA LEU A 117 -7.28 -5.23 0.42
C LEU A 117 -5.77 -5.09 0.55
N ARG A 118 -5.06 -5.92 -0.21
CA ARG A 118 -3.66 -5.68 -0.49
C ARG A 118 -3.51 -5.61 -2.00
N ILE A 119 -2.85 -4.56 -2.48
CA ILE A 119 -2.33 -4.51 -3.84
C ILE A 119 -0.85 -4.86 -3.75
N SER A 120 -0.43 -5.89 -4.49
CA SER A 120 0.92 -6.37 -4.38
C SER A 120 1.48 -6.74 -5.74
N TRP A 121 2.78 -6.59 -5.85
CA TRP A 121 3.52 -7.24 -6.92
C TRP A 121 3.81 -8.68 -6.53
N VAL A 122 3.67 -9.61 -7.49
CA VAL A 122 3.98 -11.04 -7.25
C VAL A 122 4.81 -11.57 -8.41
N SER A 123 5.80 -12.40 -8.08
N SER A 123 5.80 -12.40 -8.08
CA SER A 123 6.60 -13.04 -9.12
CA SER A 123 6.59 -13.06 -9.12
C SER A 123 5.76 -14.05 -9.89
C SER A 123 5.72 -14.03 -9.90
N SER A 124 4.79 -14.69 -9.23
N SER A 124 4.83 -14.75 -9.21
CA SER A 124 3.90 -15.63 -9.91
CA SER A 124 3.92 -15.70 -9.84
C SER A 124 2.67 -15.85 -9.03
C SER A 124 2.65 -15.78 -9.03
N ILE A 125 1.57 -16.23 -9.69
CA ILE A 125 0.31 -16.46 -8.99
C ILE A 125 -0.52 -17.36 -9.89
N THR A 126 -1.25 -18.27 -9.27
CA THR A 126 -2.18 -19.17 -9.96
C THR A 126 -3.57 -18.95 -9.43
N ILE A 127 -4.47 -18.48 -10.29
CA ILE A 127 -5.87 -18.21 -9.93
C ILE A 127 -6.78 -19.07 -10.78
N ASP A 128 -7.54 -19.94 -10.14
CA ASP A 128 -8.51 -20.82 -10.81
C ASP A 128 -7.89 -21.44 -12.06
N GLY A 129 -6.75 -22.10 -11.85
CA GLY A 129 -6.07 -22.81 -12.91
C GLY A 129 -5.24 -21.97 -13.85
N VAL A 130 -5.16 -20.65 -13.67
CA VAL A 130 -4.43 -19.79 -14.59
C VAL A 130 -3.23 -19.22 -13.84
N THR A 131 -2.04 -19.48 -14.36
CA THR A 131 -0.83 -18.91 -13.76
C THR A 131 -0.40 -17.67 -14.51
N SER A 132 -0.12 -16.61 -13.76
CA SER A 132 0.41 -15.36 -14.28
C SER A 132 1.76 -15.09 -13.65
N GLU A 133 2.67 -14.54 -14.43
CA GLU A 133 4.04 -14.24 -14.04
C GLU A 133 4.22 -12.74 -14.00
N ASP A 134 4.82 -12.22 -12.92
CA ASP A 134 5.31 -10.84 -12.88
C ASP A 134 4.16 -9.85 -13.08
N VAL A 135 3.22 -9.85 -12.13
CA VAL A 135 2.00 -9.07 -12.26
C VAL A 135 1.72 -8.31 -10.96
N VAL A 136 0.84 -7.34 -11.08
CA VAL A 136 0.28 -6.62 -9.93
C VAL A 136 -1.13 -7.18 -9.68
N LEU A 137 -1.42 -7.47 -8.41
CA LEU A 137 -2.50 -8.31 -7.95
C LEU A 137 -3.31 -7.54 -6.92
N ALA A 138 -4.62 -7.73 -6.90
CA ALA A 138 -5.49 -7.32 -5.80
C ALA A 138 -5.91 -8.56 -5.02
N THR A 139 -5.80 -8.50 -3.68
CA THR A 139 -6.18 -9.59 -2.79
C THR A 139 -7.18 -9.07 -1.76
N ILE A 140 -8.39 -9.60 -1.77
CA ILE A 140 -9.43 -9.17 -0.84
C ILE A 140 -9.81 -10.34 0.05
N ARG A 141 -9.62 -10.18 1.35
CA ARG A 141 -9.87 -11.26 2.28
C ARG A 141 -11.37 -11.52 2.38
N ASN A 142 -11.74 -12.78 2.48
CA ASN A 142 -13.13 -13.17 2.42
C ASN A 142 -13.85 -13.00 3.76
N GLY A 143 -13.10 -12.87 4.83
CA GLY A 143 -13.69 -12.55 6.11
C GLY A 143 -12.58 -12.43 7.14
N ILE A 144 -12.96 -11.94 8.31
CA ILE A 144 -12.02 -11.91 9.42
C ILE A 144 -11.70 -13.33 9.89
N ASP A 145 -12.70 -14.21 9.86
CA ASP A 145 -12.55 -15.59 10.31
C ASP A 145 -12.29 -16.56 9.17
N ASP A 146 -12.10 -16.05 7.98
CA ASP A 146 -11.77 -16.85 6.80
C ASP A 146 -10.41 -16.33 6.30
N SER A 147 -9.40 -17.19 6.37
CA SER A 147 -8.06 -16.81 5.94
C SER A 147 -7.92 -16.78 4.43
N THR A 148 -8.93 -17.22 3.69
CA THR A 148 -8.84 -17.21 2.24
C THR A 148 -9.18 -15.83 1.68
N ALA A 149 -8.80 -15.64 0.42
CA ALA A 149 -8.96 -14.34 -0.22
C ALA A 149 -9.35 -14.54 -1.68
N THR A 150 -10.01 -13.53 -2.23
CA THR A 150 -10.30 -13.45 -3.65
C THR A 150 -9.21 -12.61 -4.31
N LYS A 151 -8.58 -13.15 -5.35
CA LYS A 151 -7.42 -12.52 -5.96
C LYS A 151 -7.70 -12.17 -7.41
N THR A 152 -7.23 -11.01 -7.84
CA THR A 152 -7.55 -10.47 -9.16
C THR A 152 -6.29 -9.85 -9.75
N VAL A 153 -5.89 -10.31 -10.94
CA VAL A 153 -4.77 -9.66 -11.63
C VAL A 153 -5.21 -8.29 -12.14
N LEU A 154 -4.43 -7.25 -11.79
CA LEU A 154 -4.72 -5.88 -12.19
C LEU A 154 -3.90 -5.36 -13.38
N GLN A 155 -2.66 -5.85 -13.57
CA GLN A 155 -1.70 -5.19 -14.46
C GLN A 155 -0.51 -6.11 -14.65
N ALA A 156 0.03 -6.15 -15.86
CA ALA A 156 1.36 -6.71 -16.04
C ALA A 156 2.36 -5.72 -15.45
N HIS A 157 3.28 -6.22 -14.62
CA HIS A 157 4.34 -5.38 -14.05
C HIS A 157 5.08 -4.62 -15.14
N THR A 158 5.28 -3.33 -14.91
CA THR A 158 6.22 -2.50 -15.66
C THR A 158 7.01 -1.64 -14.67
N THR A 159 8.22 -1.24 -15.05
CA THR A 159 8.96 -0.29 -14.24
C THR A 159 8.41 1.13 -14.34
N SER A 160 7.55 1.40 -15.32
CA SER A 160 7.06 2.77 -15.55
C SER A 160 6.16 3.23 -14.42
N ARG A 161 6.18 4.53 -14.15
CA ARG A 161 5.32 5.13 -13.13
C ARG A 161 3.86 4.86 -13.49
N THR A 162 3.09 4.31 -12.54
CA THR A 162 1.71 3.88 -12.78
C THR A 162 0.77 4.47 -11.75
N GLU A 163 -0.38 4.95 -12.21
CA GLU A 163 -1.39 5.54 -11.33
C GLU A 163 -2.32 4.46 -10.80
N PHE A 164 -2.38 4.31 -9.47
CA PHE A 164 -3.33 3.44 -8.79
C PHE A 164 -4.32 4.28 -8.00
N ASN A 165 -5.59 3.90 -8.08
N ASN A 165 -5.59 3.88 -8.02
CA ASN A 165 -6.67 4.57 -7.33
CA ASN A 165 -6.64 4.59 -7.30
C ASN A 165 -7.55 3.53 -6.67
C ASN A 165 -7.58 3.57 -6.67
N ILE A 166 -7.74 3.64 -5.35
CA ILE A 166 -8.64 2.78 -4.59
C ILE A 166 -9.79 3.63 -4.10
N ASN A 167 -11.01 3.22 -4.40
CA ASN A 167 -12.22 3.95 -4.01
C ASN A 167 -13.11 3.00 -3.23
N VAL A 168 -13.34 3.33 -1.96
CA VAL A 168 -14.13 2.52 -1.04
C VAL A 168 -15.38 3.30 -0.64
N GLN A 169 -16.55 2.73 -0.90
CA GLN A 169 -17.81 3.40 -0.56
C GLN A 169 -18.97 2.40 -0.60
N ASN A 170 -19.85 2.47 0.40
CA ASN A 170 -21.14 1.76 0.39
C ASN A 170 -21.02 0.24 0.24
N SER A 171 -20.03 -0.34 0.90
CA SER A 171 -19.79 -1.80 0.99
C SER A 171 -19.12 -2.30 -0.28
N LYS A 172 -18.62 -1.41 -1.15
CA LYS A 172 -17.95 -1.83 -2.37
C LYS A 172 -16.59 -1.16 -2.47
N LEU A 173 -15.70 -1.78 -3.24
CA LEU A 173 -14.34 -1.30 -3.40
C LEU A 173 -13.94 -1.44 -4.86
N SER A 174 -13.38 -0.37 -5.43
CA SER A 174 -12.98 -0.34 -6.84
C SER A 174 -11.53 0.07 -6.94
N ILE A 175 -10.86 -0.43 -7.97
CA ILE A 175 -9.46 -0.14 -8.23
C ILE A 175 -9.32 0.27 -9.68
N THR A 176 -8.68 1.41 -9.92
CA THR A 176 -8.32 1.78 -11.28
C THR A 176 -6.80 1.86 -11.40
N VAL A 177 -6.32 1.52 -12.59
CA VAL A 177 -4.90 1.52 -12.92
C VAL A 177 -4.72 2.33 -14.19
N ASP A 178 -3.93 3.41 -14.11
CA ASP A 178 -3.80 4.36 -15.21
C ASP A 178 -5.16 4.78 -15.76
N GLY A 179 -6.12 4.94 -14.87
CA GLY A 179 -7.44 5.40 -15.22
C GLY A 179 -8.41 4.31 -15.67
N THR A 180 -7.94 3.08 -15.87
CA THR A 180 -8.81 1.99 -16.34
C THR A 180 -9.26 1.16 -15.16
N THR A 181 -10.57 0.95 -15.03
CA THR A 181 -11.08 0.10 -13.96
C THR A 181 -10.57 -1.33 -14.12
N GLU A 182 -9.93 -1.85 -13.08
CA GLU A 182 -9.41 -3.22 -13.10
C GLU A 182 -10.05 -4.07 -12.04
N LEU A 183 -10.74 -3.45 -11.09
CA LEU A 183 -11.59 -4.16 -10.14
C LEU A 183 -12.82 -3.29 -9.90
N ASP A 184 -13.98 -3.79 -10.29
CA ASP A 184 -15.20 -2.99 -10.38
C ASP A 184 -16.18 -3.35 -9.24
N GLU A 185 -16.22 -2.49 -8.22
CA GLU A 185 -17.15 -2.62 -7.10
C GLU A 185 -17.18 -4.05 -6.55
N ALA A 186 -16.00 -4.50 -6.12
CA ALA A 186 -15.89 -5.73 -5.38
C ALA A 186 -16.60 -5.58 -4.04
N ASP A 187 -17.31 -6.62 -3.62
CA ASP A 187 -18.02 -6.58 -2.34
C ASP A 187 -17.05 -6.73 -1.16
N ILE A 188 -17.25 -5.89 -0.13
CA ILE A 188 -16.45 -5.99 1.10
C ILE A 188 -17.39 -5.95 2.30
N SER A 189 -18.66 -6.33 2.10
CA SER A 189 -19.63 -6.36 3.19
C SER A 189 -19.19 -7.25 4.34
N GLN A 190 -18.25 -8.17 4.09
CA GLN A 190 -17.74 -9.00 5.16
C GLN A 190 -17.00 -8.19 6.22
N PHE A 191 -16.71 -6.91 5.96
CA PHE A 191 -16.15 -5.99 6.95
C PHE A 191 -17.19 -4.99 7.50
N ASP A 192 -18.49 -5.27 7.36
CA ASP A 192 -19.51 -4.57 8.12
C ASP A 192 -19.16 -4.58 9.60
N GLY A 193 -19.25 -3.43 10.24
CA GLY A 193 -18.90 -3.35 11.65
C GLY A 193 -17.43 -3.14 11.94
N SER A 194 -16.57 -3.13 10.94
CA SER A 194 -15.15 -2.85 11.11
C SER A 194 -14.86 -1.40 10.79
N THR A 195 -13.74 -0.92 11.32
CA THR A 195 -13.14 0.32 10.86
C THR A 195 -11.84 0.03 10.11
N CYS A 196 -11.43 1.01 9.30
CA CYS A 196 -10.46 0.81 8.24
C CYS A 196 -9.53 2.02 8.12
N TYR A 197 -8.42 1.80 7.43
CA TYR A 197 -7.47 2.85 7.09
C TYR A 197 -6.62 2.39 5.91
N PHE A 198 -5.98 3.35 5.27
CA PHE A 198 -5.08 3.06 4.16
C PHE A 198 -3.65 2.87 4.64
N LYS A 199 -2.87 2.10 3.88
CA LYS A 199 -1.42 2.03 4.06
C LYS A 199 -0.75 2.05 2.71
N ALA A 200 0.52 2.48 2.69
CA ALA A 200 1.29 2.56 1.46
C ALA A 200 2.77 2.41 1.78
N GLY A 201 3.47 1.63 0.95
CA GLY A 201 4.89 1.48 1.13
C GLY A 201 5.41 0.19 0.54
N ALA A 202 6.29 -0.50 1.27
CA ALA A 202 6.84 -1.79 0.86
C ALA A 202 6.68 -2.75 2.03
N PHE A 203 5.90 -3.81 1.83
CA PHE A 203 5.66 -4.84 2.84
C PHE A 203 6.02 -6.17 2.19
N ASN A 204 7.10 -6.79 2.69
CA ASN A 204 7.75 -7.93 2.02
C ASN A 204 7.12 -9.26 2.44
N ASN A 205 6.44 -9.92 1.50
CA ASN A 205 5.68 -11.14 1.79
C ASN A 205 6.41 -12.37 1.25
N ASN A 206 6.65 -13.34 2.12
CA ASN A 206 7.20 -14.64 1.75
C ASN A 206 8.43 -14.57 0.84
N PRO A 207 9.44 -13.79 1.20
CA PRO A 207 10.70 -13.86 0.47
C PRO A 207 11.34 -15.22 0.63
N THR A 208 12.11 -15.59 -0.39
CA THR A 208 12.91 -16.80 -0.29
C THR A 208 14.32 -16.51 0.18
N ASP A 209 14.74 -15.24 0.14
CA ASP A 209 16.01 -14.78 0.68
C ASP A 209 15.69 -13.70 1.71
N THR A 210 15.84 -14.02 2.99
CA THR A 210 15.44 -13.07 4.03
C THR A 210 16.38 -11.88 4.12
N SER A 211 17.49 -11.89 3.38
CA SER A 211 18.45 -10.80 3.34
C SER A 211 18.22 -9.83 2.19
N ALA A 212 17.46 -10.22 1.18
CA ALA A 212 17.25 -9.35 0.03
C ALA A 212 16.32 -8.19 0.39
N ASN A 213 16.47 -7.08 -0.35
CA ASN A 213 15.66 -5.89 -0.11
C ASN A 213 14.55 -5.77 -1.15
N ALA A 214 13.31 -5.71 -0.68
CA ALA A 214 12.20 -5.20 -1.48
C ALA A 214 12.28 -3.67 -1.55
N ARG A 215 11.81 -3.11 -2.66
CA ARG A 215 12.02 -1.70 -2.94
C ARG A 215 10.88 -1.18 -3.82
N ILE A 216 10.27 -0.08 -3.39
CA ILE A 216 9.07 0.48 -4.02
C ILE A 216 9.18 2.01 -3.99
N LYS A 217 8.79 2.67 -5.08
CA LYS A 217 8.97 4.12 -5.25
C LYS A 217 7.64 4.78 -5.55
N MET A 218 7.35 5.86 -4.82
N MET A 218 7.35 5.90 -4.88
CA MET A 218 6.13 6.65 -4.96
CA MET A 218 6.09 6.59 -5.04
C MET A 218 6.47 8.04 -5.46
C MET A 218 6.35 8.04 -5.40
N TYR A 219 5.82 8.46 -6.56
CA TYR A 219 6.03 9.82 -7.07
C TYR A 219 4.98 10.78 -6.55
N GLU A 220 3.80 10.26 -6.29
CA GLU A 220 2.68 10.97 -5.66
C GLU A 220 1.94 10.01 -4.76
N LEU A 221 1.37 10.54 -3.68
CA LEU A 221 0.58 9.72 -2.76
C LEU A 221 -0.39 10.63 -2.02
N GLU A 222 -1.66 10.22 -1.97
CA GLU A 222 -2.63 10.98 -1.18
C GLU A 222 -3.78 10.10 -0.72
N TRP A 223 -4.38 10.46 0.41
CA TRP A 223 -5.61 9.82 0.81
C TRP A 223 -6.57 10.85 1.33
N VAL A 224 -7.84 10.69 0.94
CA VAL A 224 -8.89 11.68 1.12
C VAL A 224 -10.19 10.95 1.48
N ASP A 225 -11.15 11.71 2.03
CA ASP A 225 -12.53 11.26 2.19
C ASP A 225 -13.44 12.42 1.81
N HIS A 226 -14.76 12.20 1.77
CA HIS A 226 -15.62 13.24 1.21
C HIS A 226 -16.92 13.53 1.94
N HIS A 227 -18.01 12.89 1.52
CA HIS A 227 -19.35 13.31 1.91
C HIS A 227 -19.62 13.05 3.39
#